data_5OLH
#
_entry.id   5OLH
#
_cell.length_a   39.400
_cell.length_b   179.334
_cell.length_c   141.145
_cell.angle_alpha   90.00
_cell.angle_beta   90.00
_cell.angle_gamma   90.00
#
_symmetry.space_group_name_H-M   'C 2 2 21'
#
loop_
_entity.id
_entity.type
_entity.pdbx_description
1 polymer 'Adenosine receptor A2a,Soluble cytochrome b562,Adenosine receptor A2a'
2 non-polymer 3-[(4-azanyl-3-methyl-phenyl)methyl]-7-(furan-2-yl)-[1,2,3]triazolo[4,5-d]pyrimidin-5-amine
3 non-polymer 'OLEIC ACID'
4 non-polymer 'SODIUM ION'
5 non-polymer CHOLESTEROL
6 non-polymer '(2R)-2,3-dihydroxypropyl (9Z)-octadec-9-enoate'
7 water water
#
_entity_poly.entity_id   1
_entity_poly.type   'polypeptide(L)'
_entity_poly.pdbx_seq_one_letter_code
;ADYKDDDDGAPPIMGSSVYITVELAIAVLAILGNVLVCWAVWLNSNLQNVTNYFVVSLAAADILVGVLAIPFAITISTGF
CAACHGCLFIACFVLVLAQSSIFSLLAIAIDRYIAIAIPLRYNGLVTGTRAAGIIAICWVLSFAIGLTPMLGWNNCGQPK
EGKAHSQGCGEGQVACLFEDVVPMNYMVYFNFFACVLVPLLLMLGVYLRIFAAARRQLADLEDNWETLNDNLKVIEKADN
AAQVKDALTKMRAAALDAQKATPPKLEDKSPDSPEMKDFRHGFDILVGQIDDALKLANEGKVKEAQAAAEQLKTTRNAYI
QKYLERARSTLQKEVHAAKSAAIIAGLFALCWLPLHIINCFTFFCPDCSHAPLWLMYLAIVLAHTNSVVNPFIYAYRIRE
FRQTFRKIIRSHVLRQQEPFKAAAHHHHHHHHHH
;
_entity_poly.pdbx_strand_id   A
#
# COMPACT_ATOMS: atom_id res chain seq x y z
N GLY A 9 -29.24 24.41 -26.11
CA GLY A 9 -28.93 23.10 -25.56
C GLY A 9 -28.66 22.04 -26.61
N ALA A 10 -27.41 21.63 -26.74
CA ALA A 10 -27.01 20.63 -27.71
C ALA A 10 -27.64 19.28 -27.36
N PRO A 11 -27.87 18.42 -28.35
CA PRO A 11 -28.45 17.10 -28.09
C PRO A 11 -27.60 16.31 -27.12
N PRO A 12 -28.22 15.64 -26.14
CA PRO A 12 -27.42 14.97 -25.10
C PRO A 12 -26.61 13.80 -25.61
N ILE A 13 -26.99 13.19 -26.74
CA ILE A 13 -26.30 11.99 -27.21
C ILE A 13 -24.93 12.34 -27.78
N MET A 14 -24.71 13.57 -28.22
CA MET A 14 -23.38 13.95 -28.71
C MET A 14 -22.36 13.94 -27.58
N GLY A 15 -22.63 14.67 -26.51
CA GLY A 15 -21.74 14.62 -25.36
C GLY A 15 -21.73 13.27 -24.67
N SER A 16 -22.85 12.54 -24.74
CA SER A 16 -22.91 11.22 -24.13
C SER A 16 -22.08 10.20 -24.92
N SER A 17 -21.97 10.38 -26.24
CA SER A 17 -21.19 9.44 -27.04
C SER A 17 -19.70 9.53 -26.72
N VAL A 18 -19.21 10.74 -26.44
CA VAL A 18 -17.82 10.88 -26.03
C VAL A 18 -17.60 10.25 -24.66
N TYR A 19 -18.52 10.51 -23.73
CA TYR A 19 -18.38 9.94 -22.39
C TYR A 19 -18.40 8.41 -22.44
N ILE A 20 -19.34 7.83 -23.20
CA ILE A 20 -19.46 6.38 -23.28
C ILE A 20 -18.22 5.76 -23.90
N THR A 21 -17.71 6.37 -24.99
CA THR A 21 -16.52 5.85 -25.64
C THR A 21 -15.31 5.87 -24.72
N VAL A 22 -15.14 6.95 -23.95
CA VAL A 22 -14.05 7.02 -22.98
C VAL A 22 -14.25 5.96 -21.90
N GLU A 23 -15.48 5.82 -21.40
CA GLU A 23 -15.76 4.82 -20.36
C GLU A 23 -15.43 3.42 -20.86
N LEU A 24 -15.78 3.10 -22.10
CA LEU A 24 -15.49 1.78 -22.63
C LEU A 24 -13.99 1.57 -22.81
N ALA A 25 -13.27 2.61 -23.23
CA ALA A 25 -11.81 2.49 -23.34
C ALA A 25 -11.17 2.24 -21.99
N ILE A 26 -11.67 2.91 -20.94
CA ILE A 26 -11.13 2.70 -19.59
C ILE A 26 -11.45 1.29 -19.11
N ALA A 27 -12.67 0.81 -19.40
CA ALA A 27 -13.05 -0.54 -18.98
C ALA A 27 -12.16 -1.59 -19.63
N VAL A 28 -11.89 -1.46 -20.93
CA VAL A 28 -11.03 -2.41 -21.62
C VAL A 28 -9.63 -2.38 -20.98
N LEU A 29 -9.09 -1.19 -20.74
CA LEU A 29 -7.74 -1.08 -20.21
C LEU A 29 -7.67 -1.59 -18.77
N ALA A 30 -8.70 -1.34 -17.97
CA ALA A 30 -8.72 -1.82 -16.59
C ALA A 30 -8.76 -3.34 -16.55
N ILE A 31 -9.56 -3.96 -17.42
CA ILE A 31 -9.67 -5.42 -17.45
C ILE A 31 -8.36 -6.04 -17.91
N LEU A 32 -7.82 -5.57 -19.03
CA LEU A 32 -6.61 -6.17 -19.58
C LEU A 32 -5.44 -6.07 -18.60
N GLY A 33 -5.20 -4.86 -18.08
CA GLY A 33 -4.04 -4.67 -17.22
C GLY A 33 -4.11 -5.47 -15.94
N ASN A 34 -5.28 -5.53 -15.32
CA ASN A 34 -5.40 -6.21 -14.04
C ASN A 34 -5.61 -7.72 -14.17
N VAL A 35 -6.13 -8.19 -15.30
CA VAL A 35 -6.08 -9.62 -15.57
C VAL A 35 -4.63 -10.06 -15.74
N LEU A 36 -3.80 -9.18 -16.32
CA LEU A 36 -2.37 -9.47 -16.42
C LEU A 36 -1.71 -9.52 -15.05
N VAL A 37 -2.16 -8.66 -14.12
CA VAL A 37 -1.62 -8.68 -12.77
C VAL A 37 -1.93 -10.02 -12.10
N CYS A 38 -3.19 -10.46 -12.18
CA CYS A 38 -3.56 -11.75 -11.58
C CYS A 38 -2.85 -12.91 -12.27
N TRP A 39 -2.69 -12.84 -13.59
N TRP A 39 -2.73 -12.87 -13.60
CA TRP A 39 -2.02 -13.92 -14.32
CA TRP A 39 -2.00 -13.93 -14.30
C TRP A 39 -0.53 -13.99 -13.99
C TRP A 39 -0.56 -14.01 -13.84
N ALA A 40 0.08 -12.86 -13.60
CA ALA A 40 1.48 -12.87 -13.19
C ALA A 40 1.65 -13.52 -11.83
N VAL A 41 0.75 -13.22 -10.89
CA VAL A 41 0.84 -13.78 -9.54
C VAL A 41 0.48 -15.25 -9.55
N TRP A 42 -0.41 -15.67 -10.46
CA TRP A 42 -0.80 -17.07 -10.53
C TRP A 42 0.35 -17.95 -11.00
N LEU A 43 1.15 -17.47 -11.95
CA LEU A 43 2.21 -18.28 -12.54
C LEU A 43 3.51 -18.22 -11.74
N ASN A 44 4.03 -17.01 -11.54
CA ASN A 44 5.33 -16.83 -10.90
C ASN A 44 5.21 -17.02 -9.39
N SER A 45 5.91 -18.02 -8.84
CA SER A 45 5.83 -18.27 -7.41
C SER A 45 6.62 -17.23 -6.60
N ASN A 46 7.58 -16.54 -7.22
CA ASN A 46 8.28 -15.45 -6.54
C ASN A 46 7.34 -14.28 -6.26
N LEU A 47 6.22 -14.20 -6.96
CA LEU A 47 5.22 -13.18 -6.71
C LEU A 47 4.15 -13.65 -5.73
N GLN A 48 4.20 -14.90 -5.28
CA GLN A 48 3.16 -15.46 -4.42
C GLN A 48 3.57 -15.25 -2.96
N ASN A 49 3.23 -14.08 -2.43
CA ASN A 49 3.40 -13.77 -1.03
C ASN A 49 2.16 -13.06 -0.54
N VAL A 50 2.12 -12.76 0.76
CA VAL A 50 0.92 -12.18 1.34
C VAL A 50 0.64 -10.80 0.76
N THR A 51 1.69 -10.00 0.56
CA THR A 51 1.50 -8.65 0.03
C THR A 51 0.77 -8.69 -1.30
N ASN A 52 1.17 -9.60 -2.18
CA ASN A 52 0.56 -9.70 -3.50
C ASN A 52 -0.81 -10.35 -3.47
N TYR A 53 -1.17 -11.03 -2.38
CA TYR A 53 -2.54 -11.52 -2.27
C TYR A 53 -3.52 -10.36 -2.12
N PHE A 54 -3.11 -9.30 -1.42
CA PHE A 54 -3.92 -8.08 -1.42
C PHE A 54 -3.81 -7.34 -2.75
N VAL A 55 -2.66 -7.46 -3.42
CA VAL A 55 -2.53 -6.89 -4.77
C VAL A 55 -3.52 -7.54 -5.72
N VAL A 56 -3.69 -8.86 -5.63
CA VAL A 56 -4.64 -9.56 -6.48
C VAL A 56 -6.06 -9.15 -6.13
N SER A 57 -6.39 -9.07 -4.83
CA SER A 57 -7.70 -8.58 -4.42
C SER A 57 -7.95 -7.17 -4.94
N LEU A 58 -6.93 -6.32 -4.85
CA LEU A 58 -7.03 -4.96 -5.39
C LEU A 58 -7.25 -4.97 -6.89
N ALA A 59 -6.58 -5.89 -7.60
CA ALA A 59 -6.77 -6.00 -9.05
C ALA A 59 -8.13 -6.58 -9.41
N ALA A 60 -8.67 -7.47 -8.57
CA ALA A 60 -10.00 -8.01 -8.83
C ALA A 60 -11.06 -6.92 -8.74
N ALA A 61 -10.90 -5.98 -7.81
CA ALA A 61 -11.85 -4.88 -7.71
C ALA A 61 -11.74 -3.95 -8.92
N ASP A 62 -10.53 -3.76 -9.44
CA ASP A 62 -10.35 -2.98 -10.67
C ASP A 62 -10.94 -3.70 -11.88
N ILE A 63 -10.85 -5.03 -11.92
CA ILE A 63 -11.49 -5.80 -12.98
C ILE A 63 -13.00 -5.58 -12.94
N LEU A 64 -13.60 -5.67 -11.74
CA LEU A 64 -15.04 -5.49 -11.59
C LEU A 64 -15.48 -4.06 -11.87
N VAL A 65 -14.55 -3.10 -11.85
CA VAL A 65 -14.88 -1.74 -12.24
C VAL A 65 -15.20 -1.67 -13.73
N GLY A 66 -14.39 -2.34 -14.56
CA GLY A 66 -14.65 -2.34 -15.99
C GLY A 66 -15.79 -3.24 -16.40
N VAL A 67 -16.00 -4.35 -15.68
CA VAL A 67 -17.04 -5.30 -16.06
C VAL A 67 -18.41 -4.81 -15.59
N LEU A 68 -18.49 -4.24 -14.40
CA LEU A 68 -19.76 -3.87 -13.79
C LEU A 68 -19.90 -2.38 -13.50
N ALA A 69 -18.95 -1.79 -12.77
CA ALA A 69 -19.13 -0.42 -12.31
C ALA A 69 -19.25 0.56 -13.48
N ILE A 70 -18.41 0.40 -14.51
CA ILE A 70 -18.43 1.32 -15.65
C ILE A 70 -19.69 1.13 -16.48
N PRO A 71 -20.12 -0.10 -16.79
CA PRO A 71 -21.46 -0.24 -17.39
C PRO A 71 -22.59 0.28 -16.50
N PHE A 72 -22.47 0.14 -15.17
CA PHE A 72 -23.46 0.74 -14.28
C PHE A 72 -23.44 2.26 -14.37
N ALA A 73 -22.25 2.87 -14.40
CA ALA A 73 -22.15 4.32 -14.47
C ALA A 73 -22.74 4.86 -15.77
N ILE A 74 -22.49 4.16 -16.89
CA ILE A 74 -23.11 4.54 -18.16
C ILE A 74 -24.62 4.47 -18.06
N THR A 75 -25.14 3.45 -17.37
CA THR A 75 -26.57 3.25 -17.25
C THR A 75 -27.22 4.35 -16.41
N ILE A 76 -26.65 4.64 -15.24
CA ILE A 76 -27.27 5.60 -14.33
C ILE A 76 -27.07 7.04 -14.77
N SER A 77 -26.20 7.29 -15.76
CA SER A 77 -26.08 8.63 -16.31
C SER A 77 -27.28 9.00 -17.19
N THR A 78 -27.97 8.00 -17.75
CA THR A 78 -29.14 8.27 -18.59
C THR A 78 -30.39 8.60 -17.78
N GLY A 79 -30.38 8.36 -16.47
CA GLY A 79 -31.55 8.62 -15.66
C GLY A 79 -32.75 7.75 -15.98
N PHE A 80 -32.52 6.50 -16.38
CA PHE A 80 -33.60 5.61 -16.80
C PHE A 80 -34.55 5.30 -15.63
N CYS A 81 -35.76 4.90 -15.99
CA CYS A 81 -36.76 4.51 -14.99
C CYS A 81 -36.41 3.16 -14.37
N ALA A 82 -36.57 3.05 -13.06
CA ALA A 82 -36.28 1.80 -12.36
C ALA A 82 -36.86 1.84 -10.95
N ALA A 83 -37.14 0.65 -10.42
CA ALA A 83 -37.50 0.52 -9.02
C ALA A 83 -36.35 1.02 -8.16
N CYS A 84 -36.69 1.73 -7.09
CA CYS A 84 -35.68 2.51 -6.36
C CYS A 84 -34.58 1.62 -5.80
N HIS A 85 -34.95 0.47 -5.20
CA HIS A 85 -33.92 -0.37 -4.60
C HIS A 85 -33.02 -1.01 -5.65
N GLY A 86 -33.57 -1.36 -6.82
CA GLY A 86 -32.73 -1.78 -7.92
C GLY A 86 -31.84 -0.66 -8.41
N CYS A 87 -32.38 0.56 -8.50
CA CYS A 87 -31.59 1.73 -8.82
C CYS A 87 -30.49 1.96 -7.79
N LEU A 88 -30.75 1.60 -6.53
N LEU A 88 -30.77 1.65 -6.52
CA LEU A 88 -29.78 1.84 -5.47
CA LEU A 88 -29.77 1.84 -5.47
C LEU A 88 -28.59 0.90 -5.58
C LEU A 88 -28.55 0.95 -5.69
N PHE A 89 -28.78 -0.28 -6.19
CA PHE A 89 -27.67 -1.22 -6.33
C PHE A 89 -26.72 -0.78 -7.44
N ILE A 90 -27.25 -0.39 -8.61
CA ILE A 90 -26.36 0.08 -9.66
C ILE A 90 -25.70 1.39 -9.28
N ALA A 91 -26.27 2.13 -8.33
CA ALA A 91 -25.67 3.38 -7.88
C ALA A 91 -24.52 3.13 -6.91
N CYS A 92 -24.66 2.11 -6.06
CA CYS A 92 -23.77 1.93 -4.92
C CYS A 92 -22.75 0.82 -5.10
N PHE A 93 -22.87 -0.01 -6.14
CA PHE A 93 -21.94 -1.11 -6.26
C PHE A 93 -20.50 -0.62 -6.42
N VAL A 94 -20.32 0.54 -7.06
CA VAL A 94 -18.99 1.10 -7.20
C VAL A 94 -18.44 1.52 -5.83
N LEU A 95 -19.32 1.85 -4.88
CA LEU A 95 -18.85 2.15 -3.53
C LEU A 95 -18.31 0.89 -2.84
N VAL A 96 -18.83 -0.29 -3.20
CA VAL A 96 -18.29 -1.53 -2.66
C VAL A 96 -16.88 -1.76 -3.17
N LEU A 97 -16.67 -1.59 -4.48
CA LEU A 97 -15.35 -1.79 -5.04
C LEU A 97 -14.37 -0.74 -4.53
N ALA A 98 -14.82 0.51 -4.38
CA ALA A 98 -13.95 1.53 -3.80
C ALA A 98 -13.59 1.20 -2.36
N GLN A 99 -14.56 0.70 -1.59
CA GLN A 99 -14.27 0.30 -0.20
C GLN A 99 -13.32 -0.88 -0.16
N SER A 100 -13.50 -1.85 -1.06
CA SER A 100 -12.60 -3.00 -1.11
C SER A 100 -11.19 -2.56 -1.43
N SER A 101 -11.03 -1.60 -2.34
CA SER A 101 -9.71 -1.07 -2.65
C SER A 101 -9.04 -0.47 -1.41
N ILE A 102 -9.81 0.27 -0.62
CA ILE A 102 -9.25 0.91 0.57
C ILE A 102 -8.76 -0.13 1.56
N PHE A 103 -9.56 -1.17 1.80
CA PHE A 103 -9.12 -2.23 2.71
C PHE A 103 -7.84 -2.91 2.20
N SER A 104 -7.77 -3.18 0.89
CA SER A 104 -6.56 -3.80 0.36
C SER A 104 -5.36 -2.88 0.51
N LEU A 105 -5.54 -1.59 0.25
CA LEU A 105 -4.44 -0.64 0.38
C LEU A 105 -3.99 -0.51 1.82
N LEU A 106 -4.93 -0.49 2.77
CA LEU A 106 -4.55 -0.44 4.18
C LEU A 106 -3.85 -1.73 4.60
N ALA A 107 -4.24 -2.87 4.03
CA ALA A 107 -3.60 -4.13 4.38
C ALA A 107 -2.17 -4.19 3.87
N ILE A 108 -1.95 -3.72 2.64
CA ILE A 108 -0.60 -3.69 2.08
C ILE A 108 0.33 -2.84 2.94
N ALA A 109 -0.14 -1.67 3.35
CA ALA A 109 0.71 -0.80 4.17
C ALA A 109 1.03 -1.45 5.51
N ILE A 110 0.02 -2.06 6.15
CA ILE A 110 0.25 -2.72 7.43
C ILE A 110 1.17 -3.91 7.25
N ASP A 111 1.01 -4.65 6.16
CA ASP A 111 1.89 -5.78 5.88
C ASP A 111 3.34 -5.32 5.74
N ARG A 112 3.56 -4.20 5.06
CA ARG A 112 4.92 -3.69 4.89
C ARG A 112 5.49 -3.18 6.21
N TYR A 113 4.64 -2.65 7.09
CA TYR A 113 5.13 -2.21 8.39
C TYR A 113 5.58 -3.39 9.25
N ILE A 114 4.84 -4.49 9.20
CA ILE A 114 5.25 -5.68 9.95
C ILE A 114 6.57 -6.22 9.40
N ALA A 115 6.74 -6.18 8.08
CA ALA A 115 7.96 -6.73 7.49
C ALA A 115 9.19 -5.93 7.86
N ILE A 116 9.04 -4.64 8.15
CA ILE A 116 10.19 -3.80 8.43
C ILE A 116 10.38 -3.54 9.92
N ALA A 117 9.32 -3.65 10.73
CA ALA A 117 9.42 -3.42 12.17
C ALA A 117 9.78 -4.69 12.93
N ILE A 118 9.20 -5.82 12.55
CA ILE A 118 9.49 -7.09 13.21
C ILE A 118 9.75 -8.18 12.17
N PRO A 119 10.86 -8.09 11.41
CA PRO A 119 11.09 -9.07 10.34
C PRO A 119 11.37 -10.47 10.85
N LEU A 120 11.85 -10.61 12.09
CA LEU A 120 12.18 -11.94 12.62
C LEU A 120 10.94 -12.78 12.81
N ARG A 121 9.82 -12.16 13.22
CA ARG A 121 8.57 -12.87 13.46
C ARG A 121 7.50 -12.51 12.43
N TYR A 122 7.93 -12.09 11.23
CA TYR A 122 6.97 -11.76 10.19
C TYR A 122 6.34 -13.01 9.59
N ASN A 123 7.16 -14.01 9.25
CA ASN A 123 6.66 -15.22 8.59
C ASN A 123 5.74 -16.00 9.50
N GLY A 124 6.03 -16.04 10.80
CA GLY A 124 5.16 -16.73 11.73
C GLY A 124 3.87 -15.98 12.02
N LEU A 125 3.91 -14.65 11.92
CA LEU A 125 2.73 -13.82 12.17
C LEU A 125 1.88 -13.66 10.92
N VAL A 126 2.48 -13.19 9.82
CA VAL A 126 1.76 -12.90 8.60
C VAL A 126 1.89 -14.12 7.68
N THR A 127 0.83 -14.92 7.62
CA THR A 127 0.80 -16.15 6.85
C THR A 127 -0.20 -16.03 5.71
N GLY A 128 -0.08 -16.95 4.74
CA GLY A 128 -0.96 -16.91 3.58
C GLY A 128 -2.39 -17.23 3.90
N THR A 129 -2.62 -18.14 4.85
CA THR A 129 -3.99 -18.58 5.14
C THR A 129 -4.77 -17.51 5.89
N ARG A 130 -4.11 -16.80 6.81
CA ARG A 130 -4.75 -15.69 7.51
C ARG A 130 -5.04 -14.54 6.57
N ALA A 131 -4.24 -14.37 5.53
CA ALA A 131 -4.48 -13.30 4.56
C ALA A 131 -5.75 -13.54 3.76
N ALA A 132 -5.97 -14.78 3.32
CA ALA A 132 -7.17 -15.09 2.56
C ALA A 132 -8.42 -14.90 3.41
N GLY A 133 -8.32 -15.17 4.71
CA GLY A 133 -9.46 -14.92 5.59
C GLY A 133 -9.73 -13.44 5.76
N ILE A 134 -8.67 -12.64 5.91
CA ILE A 134 -8.81 -11.20 6.01
C ILE A 134 -9.44 -10.63 4.74
N ILE A 135 -9.01 -11.14 3.58
CA ILE A 135 -9.55 -10.65 2.31
C ILE A 135 -11.03 -10.97 2.21
N ALA A 136 -11.43 -12.19 2.58
CA ALA A 136 -12.84 -12.54 2.61
C ALA A 136 -13.63 -11.60 3.53
N ILE A 137 -13.08 -11.28 4.70
CA ILE A 137 -13.77 -10.42 5.65
C ILE A 137 -13.92 -9.01 5.08
N CYS A 138 -12.86 -8.48 4.47
CA CYS A 138 -12.91 -7.11 3.93
C CYS A 138 -13.89 -6.99 2.78
N TRP A 139 -14.05 -8.04 1.98
CA TRP A 139 -15.05 -8.00 0.92
C TRP A 139 -16.45 -7.99 1.49
N VAL A 140 -16.69 -8.76 2.56
CA VAL A 140 -17.99 -8.72 3.22
C VAL A 140 -18.25 -7.35 3.81
N LEU A 141 -17.25 -6.76 4.48
CA LEU A 141 -17.41 -5.41 5.02
C LEU A 141 -17.59 -4.38 3.92
N SER A 142 -16.95 -4.57 2.77
CA SER A 142 -17.08 -3.63 1.68
C SER A 142 -18.50 -3.61 1.13
N PHE A 143 -19.12 -4.79 1.00
CA PHE A 143 -20.52 -4.85 0.57
C PHE A 143 -21.42 -4.18 1.59
N ALA A 144 -21.22 -4.46 2.89
CA ALA A 144 -22.06 -3.88 3.93
C ALA A 144 -21.92 -2.36 3.97
N ILE A 145 -20.69 -1.85 3.85
CA ILE A 145 -20.48 -0.41 3.86
C ILE A 145 -21.04 0.22 2.60
N GLY A 146 -20.68 -0.32 1.44
CA GLY A 146 -21.06 0.29 0.17
C GLY A 146 -22.55 0.16 -0.12
N LEU A 147 -23.19 -0.91 0.34
CA LEU A 147 -24.61 -1.10 0.13
C LEU A 147 -25.43 -0.72 1.35
N THR A 148 -24.85 0.05 2.27
CA THR A 148 -25.63 0.57 3.39
C THR A 148 -26.87 1.35 2.95
N PRO A 149 -26.85 2.16 1.88
CA PRO A 149 -28.11 2.78 1.44
C PRO A 149 -29.22 1.79 1.17
N MET A 150 -28.89 0.58 0.73
CA MET A 150 -29.93 -0.42 0.52
C MET A 150 -30.51 -0.95 1.83
N LEU A 151 -29.86 -0.69 2.97
CA LEU A 151 -30.40 -1.10 4.26
C LEU A 151 -31.40 -0.11 4.82
N GLY A 152 -31.68 0.99 4.11
CA GLY A 152 -32.69 1.92 4.57
C GLY A 152 -32.25 3.37 4.52
N TRP A 153 -30.95 3.60 4.45
CA TRP A 153 -30.41 4.97 4.43
C TRP A 153 -30.43 5.47 2.98
N ASN A 154 -31.63 5.81 2.51
CA ASN A 154 -31.81 6.22 1.12
C ASN A 154 -32.96 7.22 1.05
N ASN A 155 -33.22 7.73 -0.16
CA ASN A 155 -34.32 8.66 -0.40
C ASN A 155 -35.47 8.00 -1.15
N CYS A 156 -35.57 6.68 -1.11
CA CYS A 156 -36.68 6.01 -1.79
C CYS A 156 -38.03 6.38 -1.18
N GLY A 157 -38.05 6.66 0.13
CA GLY A 157 -39.28 7.07 0.78
C GLY A 157 -39.83 8.39 0.28
N GLN A 158 -38.97 9.27 -0.23
CA GLN A 158 -39.39 10.58 -0.76
C GLN A 158 -38.99 10.70 -2.22
N PRO A 159 -39.67 9.97 -3.12
CA PRO A 159 -39.27 10.01 -4.54
C PRO A 159 -39.71 11.29 -5.22
N LYS A 160 -38.82 11.80 -6.08
CA LYS A 160 -39.16 12.93 -6.93
C LYS A 160 -40.22 12.52 -7.94
N GLU A 161 -41.49 12.67 -7.56
CA GLU A 161 -42.58 12.19 -8.40
C GLU A 161 -42.75 13.01 -9.66
N GLY A 162 -42.38 14.30 -9.62
CA GLY A 162 -42.45 15.11 -10.82
C GLY A 162 -41.46 14.66 -11.88
N LYS A 163 -40.23 14.36 -11.47
CA LYS A 163 -39.23 13.89 -12.43
C LYS A 163 -39.58 12.51 -12.97
N ALA A 164 -40.24 11.68 -12.15
CA ALA A 164 -40.59 10.33 -12.59
C ALA A 164 -41.69 10.37 -13.65
N HIS A 165 -42.71 11.20 -13.43
CA HIS A 165 -43.80 11.32 -14.40
C HIS A 165 -43.34 12.00 -15.68
N SER A 166 -42.42 12.95 -15.58
CA SER A 166 -41.92 13.63 -16.77
C SER A 166 -41.15 12.68 -17.68
N GLN A 167 -40.70 11.54 -17.18
CA GLN A 167 -40.01 10.55 -17.99
C GLN A 167 -40.83 9.29 -18.23
N GLY A 168 -42.12 9.33 -17.93
CA GLY A 168 -42.99 8.20 -18.20
C GLY A 168 -42.73 6.98 -17.36
N CYS A 169 -42.09 7.15 -16.20
CA CYS A 169 -41.81 6.01 -15.34
C CYS A 169 -43.12 5.43 -14.80
N GLY A 170 -43.15 4.11 -14.66
CA GLY A 170 -44.31 3.44 -14.14
C GLY A 170 -44.47 3.67 -12.65
N GLU A 171 -45.57 3.17 -12.12
CA GLU A 171 -45.82 3.26 -10.69
C GLU A 171 -44.81 2.43 -9.92
N GLY A 172 -44.30 3.01 -8.83
CA GLY A 172 -43.27 2.38 -8.04
C GLY A 172 -41.87 2.60 -8.53
N GLN A 173 -41.70 3.25 -9.68
CA GLN A 173 -40.39 3.53 -10.27
C GLN A 173 -40.01 4.99 -10.06
N VAL A 174 -38.70 5.25 -10.15
CA VAL A 174 -38.17 6.60 -10.12
C VAL A 174 -37.22 6.77 -11.29
N ALA A 175 -36.89 8.03 -11.58
CA ALA A 175 -35.77 8.32 -12.47
C ALA A 175 -34.49 8.00 -11.71
N CYS A 176 -33.75 7.02 -12.22
CA CYS A 176 -32.58 6.52 -11.51
C CYS A 176 -31.44 7.53 -11.65
N LEU A 177 -31.30 8.40 -10.64
CA LEU A 177 -30.22 9.38 -10.56
C LEU A 177 -29.54 9.24 -9.21
N PHE A 178 -28.20 9.27 -9.21
CA PHE A 178 -27.43 9.01 -8.00
C PHE A 178 -27.82 9.96 -6.88
N GLU A 179 -27.74 11.26 -7.12
CA GLU A 179 -27.99 12.22 -6.04
C GLU A 179 -29.46 12.29 -5.67
N ASP A 180 -30.34 11.63 -6.43
CA ASP A 180 -31.75 11.55 -6.05
C ASP A 180 -32.01 10.42 -5.07
N VAL A 181 -31.24 9.32 -5.16
CA VAL A 181 -31.57 8.14 -4.37
C VAL A 181 -30.58 7.94 -3.23
N VAL A 182 -29.33 8.34 -3.45
CA VAL A 182 -28.28 8.21 -2.45
C VAL A 182 -28.23 9.49 -1.63
N PRO A 183 -28.43 9.45 -0.32
CA PRO A 183 -28.43 10.68 0.48
C PRO A 183 -27.03 11.28 0.55
N MET A 184 -26.97 12.61 0.51
CA MET A 184 -25.68 13.27 0.50
C MET A 184 -25.00 13.25 1.86
N ASN A 185 -25.76 13.14 2.95
CA ASN A 185 -25.13 12.98 4.26
C ASN A 185 -24.46 11.62 4.41
N TYR A 186 -25.00 10.59 3.75
CA TYR A 186 -24.29 9.32 3.72
C TYR A 186 -22.97 9.46 2.97
N MET A 187 -23.01 10.09 1.80
CA MET A 187 -21.82 10.21 0.96
C MET A 187 -20.71 10.98 1.66
N VAL A 188 -21.07 12.02 2.41
CA VAL A 188 -20.07 12.87 3.04
C VAL A 188 -19.65 12.35 4.40
N TYR A 189 -20.60 12.10 5.30
CA TYR A 189 -20.25 11.71 6.67
C TYR A 189 -19.82 10.25 6.74
N PHE A 190 -20.65 9.35 6.22
CA PHE A 190 -20.39 7.93 6.36
C PHE A 190 -19.33 7.46 5.36
N ASN A 191 -19.58 7.69 4.08
CA ASN A 191 -18.68 7.14 3.07
C ASN A 191 -17.34 7.86 3.06
N PHE A 192 -17.35 9.18 2.86
CA PHE A 192 -16.09 9.90 2.71
C PHE A 192 -15.34 10.01 4.03
N PHE A 193 -15.93 10.67 5.03
CA PHE A 193 -15.19 10.96 6.26
C PHE A 193 -14.82 9.68 7.02
N ALA A 194 -15.80 8.84 7.30
CA ALA A 194 -15.58 7.66 8.13
C ALA A 194 -14.84 6.56 7.37
N CYS A 195 -15.32 6.19 6.18
CA CYS A 195 -14.87 4.98 5.50
C CYS A 195 -13.80 5.20 4.43
N VAL A 196 -13.53 6.45 4.05
CA VAL A 196 -12.51 6.75 3.05
C VAL A 196 -11.40 7.62 3.63
N LEU A 197 -11.75 8.73 4.26
CA LEU A 197 -10.75 9.69 4.69
C LEU A 197 -9.95 9.18 5.89
N VAL A 198 -10.63 8.64 6.89
CA VAL A 198 -9.92 8.12 8.06
C VAL A 198 -8.99 6.97 7.70
N PRO A 199 -9.40 5.95 6.94
CA PRO A 199 -8.42 4.93 6.52
C PRO A 199 -7.25 5.48 5.71
N LEU A 200 -7.50 6.44 4.82
CA LEU A 200 -6.39 7.02 4.06
C LEU A 200 -5.42 7.76 4.98
N LEU A 201 -5.95 8.43 6.01
CA LEU A 201 -5.08 9.05 7.00
C LEU A 201 -4.34 7.99 7.83
N LEU A 202 -4.97 6.83 8.06
CA LEU A 202 -4.27 5.74 8.73
C LEU A 202 -3.15 5.17 7.85
N MET A 203 -3.39 5.04 6.54
CA MET A 203 -2.32 4.60 5.66
C MET A 203 -1.16 5.58 5.70
N LEU A 204 -1.46 6.88 5.68
CA LEU A 204 -0.42 7.89 5.74
C LEU A 204 0.43 7.71 7.00
N GLY A 205 -0.22 7.46 8.13
CA GLY A 205 0.51 7.27 9.38
C GLY A 205 1.32 5.99 9.41
N VAL A 206 0.82 4.93 8.77
CA VAL A 206 1.57 3.69 8.67
C VAL A 206 2.82 3.90 7.83
N TYR A 207 2.69 4.57 6.69
CA TYR A 207 3.85 4.80 5.84
C TYR A 207 4.87 5.71 6.53
N LEU A 208 4.41 6.70 7.29
CA LEU A 208 5.34 7.53 8.04
C LEU A 208 6.12 6.72 9.06
N ARG A 209 5.47 5.76 9.70
N ARG A 209 5.47 5.76 9.70
CA ARG A 209 6.17 4.89 10.64
CA ARG A 209 6.15 4.88 10.64
C ARG A 209 7.08 3.90 9.92
C ARG A 209 7.09 3.92 9.90
N ILE A 210 6.73 3.53 8.68
CA ILE A 210 7.59 2.64 7.90
C ILE A 210 8.89 3.33 7.54
N PHE A 211 8.79 4.55 6.99
CA PHE A 211 9.98 5.26 6.56
C PHE A 211 10.81 5.73 7.74
N ALA A 212 10.17 6.02 8.87
CA ALA A 212 10.92 6.37 10.07
C ALA A 212 11.67 5.15 10.63
N ALA A 213 11.06 3.97 10.53
CA ALA A 213 11.71 2.77 11.03
C ALA A 213 12.91 2.39 10.15
N ALA A 214 12.76 2.51 8.83
CA ALA A 214 13.86 2.20 7.93
C ALA A 214 15.02 3.17 8.12
N ARG A 215 14.73 4.47 8.20
CA ARG A 215 15.78 5.46 8.40
C ARG A 215 16.54 5.21 9.70
N ARG A 216 15.83 4.79 10.74
CA ARG A 216 16.49 4.56 12.03
C ARG A 216 17.36 3.31 11.98
N GLN A 217 16.91 2.27 11.29
CA GLN A 217 17.68 1.02 11.22
C GLN A 217 18.95 1.18 10.41
N LEU A 218 18.91 2.01 9.37
CA LEU A 218 20.10 2.27 8.56
C LEU A 218 21.14 3.07 9.36
N ALA A 219 20.60 4.01 10.17
CA ALA A 219 21.29 4.83 11.15
C ALA A 219 21.99 3.97 12.19
N ASP A 220 21.30 2.94 12.67
CA ASP A 220 21.90 2.03 13.64
C ASP A 220 23.02 1.20 13.00
N LEU A 221 22.86 0.83 11.73
CA LEU A 221 23.92 0.10 11.05
C LEU A 221 25.14 0.97 10.83
N GLU A 222 24.94 2.26 10.59
CA GLU A 222 26.07 3.16 10.43
C GLU A 222 26.68 3.58 11.76
N ASP A 223 25.92 3.55 12.85
CA ASP A 223 26.48 3.90 14.15
C ASP A 223 27.37 2.78 14.67
N ASN A 224 26.87 1.54 14.65
CA ASN A 224 27.68 0.42 15.12
C ASN A 224 28.93 0.25 14.27
N TRP A 225 28.83 0.46 12.96
CA TRP A 225 29.99 0.39 12.09
C TRP A 225 31.02 1.46 12.44
N GLU A 226 30.55 2.69 12.71
CA GLU A 226 31.47 3.73 13.13
C GLU A 226 31.96 3.52 14.55
N THR A 227 31.11 2.95 15.42
CA THR A 227 31.56 2.61 16.77
C THR A 227 32.68 1.58 16.72
N LEU A 228 32.58 0.62 15.79
CA LEU A 228 33.62 -0.40 15.66
C LEU A 228 34.94 0.22 15.24
N ASN A 229 34.91 1.10 14.23
CA ASN A 229 36.13 1.71 13.69
C ASN A 229 36.72 2.76 14.62
N ASP A 230 35.89 3.52 15.32
CA ASP A 230 36.43 4.53 16.23
C ASP A 230 37.14 3.89 17.40
N ASN A 231 36.56 2.84 17.99
CA ASN A 231 37.21 2.18 19.11
C ASN A 231 38.49 1.47 18.67
N LEU A 232 38.60 1.09 17.40
CA LEU A 232 39.85 0.54 16.90
C LEU A 232 40.97 1.57 16.97
N LYS A 233 40.67 2.82 16.61
CA LYS A 233 41.66 3.89 16.72
C LYS A 233 42.03 4.15 18.17
N VAL A 234 41.04 4.08 19.07
CA VAL A 234 41.31 4.32 20.49
C VAL A 234 42.30 3.29 21.03
N ILE A 235 42.15 2.02 20.63
CA ILE A 235 43.04 0.98 21.11
C ILE A 235 44.45 1.19 20.58
N GLU A 236 44.58 1.67 19.34
CA GLU A 236 45.90 1.82 18.74
C GLU A 236 46.73 2.88 19.45
N LYS A 237 46.12 4.03 19.74
CA LYS A 237 46.83 5.13 20.39
C LYS A 237 46.58 5.17 21.89
N ALA A 238 46.30 4.02 22.50
CA ALA A 238 46.22 3.93 23.95
C ALA A 238 47.62 3.75 24.54
N ASP A 239 47.72 3.94 25.85
CA ASP A 239 49.00 3.84 26.53
C ASP A 239 48.99 2.92 27.75
N ASN A 240 47.83 2.49 28.22
CA ASN A 240 47.75 1.60 29.37
C ASN A 240 46.74 0.51 29.10
N ALA A 241 46.68 -0.47 30.00
CA ALA A 241 45.78 -1.60 29.85
C ALA A 241 44.33 -1.26 30.19
N ALA A 242 44.06 -0.09 30.77
CA ALA A 242 42.68 0.24 31.11
C ALA A 242 41.95 0.90 29.95
N GLN A 243 42.66 1.66 29.10
CA GLN A 243 42.03 2.28 27.95
C GLN A 243 41.66 1.26 26.89
N VAL A 244 42.49 0.23 26.71
CA VAL A 244 42.17 -0.83 25.76
C VAL A 244 40.95 -1.60 26.23
N LYS A 245 40.84 -1.86 27.54
CA LYS A 245 39.69 -2.58 28.07
C LYS A 245 38.40 -1.78 27.87
N ASP A 246 38.46 -0.47 28.01
CA ASP A 246 37.26 0.35 27.86
C ASP A 246 36.75 0.32 26.43
N ALA A 247 37.65 0.39 25.45
CA ALA A 247 37.21 0.38 24.06
C ALA A 247 36.69 -1.00 23.65
N LEU A 248 37.33 -2.07 24.13
CA LEU A 248 36.89 -3.42 23.79
C LEU A 248 35.55 -3.76 24.43
N THR A 249 35.29 -3.23 25.63
CA THR A 249 34.00 -3.47 26.27
C THR A 249 32.86 -2.83 25.49
N LYS A 250 33.14 -1.73 24.78
CA LYS A 250 32.13 -1.11 23.93
C LYS A 250 31.93 -1.90 22.64
N MET A 251 33.02 -2.38 22.04
CA MET A 251 32.91 -3.13 20.79
C MET A 251 32.20 -4.46 21.01
N ARG A 252 32.47 -5.13 22.13
CA ARG A 252 31.81 -6.40 22.40
C ARG A 252 30.31 -6.21 22.56
N ALA A 253 29.90 -5.09 23.16
CA ALA A 253 28.47 -4.80 23.26
C ALA A 253 27.88 -4.44 21.90
N ALA A 254 28.65 -3.71 21.08
CA ALA A 254 28.16 -3.32 19.76
C ALA A 254 28.18 -4.50 18.79
N ALA A 255 29.11 -5.43 18.97
CA ALA A 255 29.12 -6.63 18.12
C ALA A 255 27.92 -7.51 18.42
N LEU A 256 27.68 -7.80 19.70
CA LEU A 256 26.51 -8.60 20.07
C LEU A 256 25.22 -7.87 19.72
N ASP A 257 25.20 -6.55 19.81
CA ASP A 257 24.04 -5.79 19.38
C ASP A 257 23.83 -5.88 17.88
N ALA A 258 24.93 -5.86 17.12
CA ALA A 258 24.83 -6.00 15.67
C ALA A 258 24.55 -7.43 15.25
N GLN A 259 24.93 -8.42 16.06
CA GLN A 259 24.65 -9.81 15.75
C GLN A 259 23.16 -10.11 15.79
N LYS A 260 22.38 -9.30 16.50
CA LYS A 260 20.93 -9.49 16.57
C LYS A 260 20.25 -8.89 15.35
N PRO A 274 23.43 -20.48 3.53
CA PRO A 274 24.57 -20.05 2.70
C PRO A 274 25.26 -18.81 3.24
N GLU A 275 24.59 -17.66 3.16
CA GLU A 275 25.16 -16.42 3.69
C GLU A 275 24.95 -16.31 5.19
N MET A 276 23.89 -16.92 5.72
CA MET A 276 23.66 -16.91 7.16
C MET A 276 24.70 -17.72 7.92
N LYS A 277 25.34 -18.68 7.25
CA LYS A 277 26.40 -19.46 7.89
C LYS A 277 27.72 -18.72 7.89
N ASP A 278 27.99 -17.92 6.85
CA ASP A 278 29.24 -17.15 6.80
C ASP A 278 29.17 -15.90 7.66
N PHE A 279 27.97 -15.35 7.87
CA PHE A 279 27.82 -14.18 8.73
C PHE A 279 27.83 -14.55 10.20
N ARG A 280 27.22 -15.69 10.55
CA ARG A 280 27.32 -16.18 11.91
C ARG A 280 28.77 -16.52 12.26
N HIS A 281 29.51 -17.08 11.29
CA HIS A 281 30.93 -17.35 11.51
C HIS A 281 31.72 -16.06 11.66
N GLY A 282 31.34 -15.01 10.92
CA GLY A 282 32.08 -13.75 11.02
C GLY A 282 31.93 -13.08 12.36
N PHE A 283 30.71 -13.10 12.93
CA PHE A 283 30.50 -12.51 14.25
C PHE A 283 31.05 -13.40 15.36
N ASP A 284 31.16 -14.70 15.12
CA ASP A 284 31.85 -15.56 16.08
C ASP A 284 33.33 -15.24 16.13
N ILE A 285 33.92 -14.90 14.97
CA ILE A 285 35.31 -14.47 14.94
C ILE A 285 35.45 -13.09 15.57
N LEU A 286 34.55 -12.17 15.22
CA LEU A 286 34.64 -10.80 15.72
C LEU A 286 34.53 -10.78 17.24
N VAL A 287 33.49 -11.39 17.80
CA VAL A 287 33.33 -11.40 19.25
C VAL A 287 34.45 -12.19 19.91
N GLY A 288 34.87 -13.29 19.28
CA GLY A 288 35.95 -14.09 19.84
C GLY A 288 37.25 -13.31 19.93
N GLN A 289 37.63 -12.63 18.85
CA GLN A 289 38.86 -11.84 18.85
C GLN A 289 38.80 -10.69 19.85
N ILE A 290 37.61 -10.11 20.05
CA ILE A 290 37.47 -9.07 21.07
C ILE A 290 37.72 -9.67 22.45
N ASP A 291 37.23 -10.89 22.68
CA ASP A 291 37.47 -11.56 23.95
C ASP A 291 38.96 -11.84 24.15
N ASP A 292 39.65 -12.29 23.10
CA ASP A 292 41.10 -12.51 23.19
C ASP A 292 41.81 -11.24 23.64
N ALA A 293 41.52 -10.12 22.99
CA ALA A 293 42.15 -8.86 23.36
C ALA A 293 41.70 -8.36 24.73
N LEU A 294 40.49 -8.74 25.17
CA LEU A 294 40.02 -8.34 26.48
C LEU A 294 40.79 -9.04 27.59
N LYS A 295 40.99 -10.35 27.48
CA LYS A 295 41.76 -11.07 28.49
C LYS A 295 43.19 -10.57 28.57
N LEU A 296 43.80 -10.30 27.41
CA LEU A 296 45.16 -9.74 27.40
C LEU A 296 45.20 -8.38 28.07
N ALA A 297 44.12 -7.61 27.97
CA ALA A 297 44.04 -6.30 28.61
C ALA A 297 43.88 -6.43 30.12
N ASN A 298 43.07 -7.39 30.57
CA ASN A 298 42.89 -7.60 32.00
C ASN A 298 44.16 -8.10 32.67
N GLU A 299 45.07 -8.72 31.90
CA GLU A 299 46.35 -9.17 32.46
C GLU A 299 47.40 -8.07 32.48
N GLY A 300 47.08 -6.88 31.96
CA GLY A 300 48.04 -5.79 31.91
C GLY A 300 48.92 -5.78 30.68
N LYS A 301 48.79 -6.76 29.79
CA LYS A 301 49.60 -6.83 28.57
C LYS A 301 48.98 -5.91 27.52
N VAL A 302 49.34 -4.62 27.60
CA VAL A 302 48.73 -3.63 26.72
C VAL A 302 49.23 -3.81 25.28
N LYS A 303 50.53 -4.05 25.11
CA LYS A 303 51.07 -4.23 23.77
C LYS A 303 50.49 -5.47 23.11
N GLU A 304 50.33 -6.56 23.86
CA GLU A 304 49.74 -7.76 23.29
C GLU A 304 48.25 -7.61 23.04
N ALA A 305 47.59 -6.72 23.79
CA ALA A 305 46.18 -6.47 23.56
C ALA A 305 45.96 -5.64 22.29
N GLN A 306 46.81 -4.65 22.06
CA GLN A 306 46.68 -3.84 20.85
C GLN A 306 46.95 -4.67 19.60
N ALA A 307 47.91 -5.61 19.68
CA ALA A 307 48.19 -6.45 18.53
C ALA A 307 47.04 -7.41 18.26
N ALA A 308 46.40 -7.92 19.32
CA ALA A 308 45.25 -8.80 19.12
C ALA A 308 44.07 -8.04 18.55
N ALA A 309 43.91 -6.77 18.92
CA ALA A 309 42.83 -5.94 18.39
C ALA A 309 43.07 -5.56 16.93
N GLU A 310 44.32 -5.65 16.46
CA GLU A 310 44.61 -5.38 15.06
C GLU A 310 44.13 -6.50 14.14
N GLN A 311 44.00 -7.72 14.68
CA GLN A 311 43.40 -8.81 13.90
C GLN A 311 41.93 -8.56 13.61
N LEU A 312 41.29 -7.64 14.32
CA LEU A 312 39.88 -7.34 14.07
C LEU A 312 39.67 -6.72 12.69
N LYS A 313 40.68 -6.01 12.17
CA LYS A 313 40.54 -5.39 10.86
C LYS A 313 40.39 -6.43 9.76
N THR A 314 41.05 -7.58 9.89
CA THR A 314 40.87 -8.65 8.92
C THR A 314 39.44 -9.17 8.93
N THR A 315 38.89 -9.40 10.13
CA THR A 315 37.51 -9.86 10.24
C THR A 315 36.53 -8.81 9.73
N ARG A 316 36.85 -7.53 9.93
CA ARG A 316 35.97 -6.45 9.49
C ARG A 316 35.87 -6.41 7.97
N ASN A 317 37.00 -6.48 7.27
CA ASN A 317 37.01 -6.36 5.83
C ASN A 317 36.47 -7.60 5.13
N ALA A 318 36.49 -8.75 5.80
CA ALA A 318 36.08 -10.01 5.17
C ALA A 318 34.67 -10.44 5.52
N TYR A 319 34.14 -10.03 6.66
CA TYR A 319 32.83 -10.50 7.09
C TYR A 319 31.91 -9.35 7.49
N ILE A 320 32.40 -8.47 8.37
CA ILE A 320 31.53 -7.45 8.95
C ILE A 320 31.15 -6.40 7.91
N GLN A 321 32.08 -6.03 7.05
CA GLN A 321 31.78 -5.05 6.01
C GLN A 321 30.77 -5.58 5.02
N LYS A 322 30.74 -6.90 4.81
CA LYS A 322 29.76 -7.48 3.87
C LYS A 322 28.37 -7.51 4.49
N TYR A 323 28.27 -7.81 5.79
CA TYR A 323 26.97 -7.83 6.45
C TYR A 323 26.31 -6.45 6.41
N LEU A 324 27.08 -5.41 6.67
CA LEU A 324 26.56 -4.05 6.63
C LEU A 324 26.09 -3.67 5.23
N GLU A 325 26.65 -4.28 4.20
CA GLU A 325 26.24 -3.84 2.87
C GLU A 325 25.00 -4.60 2.39
N ARG A 326 24.88 -5.86 2.79
CA ARG A 326 23.66 -6.61 2.48
C ARG A 326 22.49 -6.10 3.31
N ALA A 327 22.73 -5.79 4.58
CA ALA A 327 21.68 -5.22 5.41
C ALA A 327 21.26 -3.84 4.93
N ARG A 328 22.23 -3.06 4.44
CA ARG A 328 21.91 -1.77 3.84
C ARG A 328 21.13 -1.96 2.54
N SER A 329 21.48 -2.99 1.76
CA SER A 329 20.78 -3.22 0.50
C SER A 329 19.36 -3.71 0.74
N THR A 330 19.16 -4.58 1.74
CA THR A 330 17.83 -5.08 2.04
C THR A 330 16.90 -3.95 2.49
N LEU A 331 17.39 -3.06 3.35
CA LEU A 331 16.57 -1.94 3.81
C LEU A 331 16.25 -0.98 2.66
N GLN A 332 17.20 -0.77 1.76
CA GLN A 332 16.94 0.07 0.61
C GLN A 332 15.89 -0.54 -0.31
N LYS A 333 15.87 -1.87 -0.43
CA LYS A 333 14.83 -2.52 -1.22
C LYS A 333 13.47 -2.42 -0.52
N GLU A 334 13.45 -2.47 0.81
CA GLU A 334 12.18 -2.33 1.53
C GLU A 334 11.63 -0.91 1.44
N VAL A 335 12.51 0.09 1.42
CA VAL A 335 12.07 1.47 1.23
C VAL A 335 11.49 1.64 -0.17
N HIS A 336 12.19 1.14 -1.19
CA HIS A 336 11.67 1.23 -2.54
C HIS A 336 10.33 0.51 -2.68
N ALA A 337 10.19 -0.65 -2.03
CA ALA A 337 8.93 -1.39 -2.11
C ALA A 337 7.81 -0.64 -1.40
N ALA A 338 8.12 -0.03 -0.25
CA ALA A 338 7.12 0.76 0.46
C ALA A 338 6.77 2.03 -0.32
N LYS A 339 7.75 2.63 -1.00
CA LYS A 339 7.47 3.82 -1.81
C LYS A 339 6.54 3.47 -2.97
N SER A 340 6.77 2.32 -3.60
CA SER A 340 5.90 1.89 -4.69
C SER A 340 4.46 1.69 -4.20
N ALA A 341 4.30 1.09 -3.00
CA ALA A 341 2.97 0.86 -2.47
C ALA A 341 2.30 2.18 -2.07
N ALA A 342 3.07 3.11 -1.50
CA ALA A 342 2.52 4.41 -1.15
C ALA A 342 2.10 5.20 -2.38
N ILE A 343 2.77 4.98 -3.52
CA ILE A 343 2.35 5.62 -4.76
C ILE A 343 0.98 5.11 -5.20
N ILE A 344 0.73 3.81 -5.00
CA ILE A 344 -0.56 3.23 -5.34
C ILE A 344 -1.68 3.86 -4.51
N ALA A 345 -1.46 3.95 -3.19
CA ALA A 345 -2.48 4.52 -2.33
C ALA A 345 -2.61 6.03 -2.52
N GLY A 346 -1.53 6.69 -2.93
CA GLY A 346 -1.60 8.12 -3.20
C GLY A 346 -2.40 8.44 -4.46
N LEU A 347 -2.18 7.67 -5.53
CA LEU A 347 -2.94 7.87 -6.76
C LEU A 347 -4.42 7.57 -6.55
N PHE A 348 -4.74 6.57 -5.73
CA PHE A 348 -6.13 6.29 -5.39
C PHE A 348 -6.81 7.52 -4.80
N ALA A 349 -6.15 8.15 -3.81
CA ALA A 349 -6.70 9.37 -3.24
C ALA A 349 -6.81 10.47 -4.28
N LEU A 350 -5.77 10.65 -5.09
CA LEU A 350 -5.79 11.69 -6.11
C LEU A 350 -6.96 11.48 -7.08
N CYS A 351 -7.28 10.23 -7.41
CA CYS A 351 -8.32 9.95 -8.38
C CYS A 351 -9.73 10.04 -7.80
N TRP A 352 -9.88 9.81 -6.50
CA TRP A 352 -11.21 9.78 -5.90
C TRP A 352 -11.56 11.02 -5.11
N LEU A 353 -10.56 11.76 -4.63
CA LEU A 353 -10.84 12.95 -3.84
C LEU A 353 -11.66 14.01 -4.58
N PRO A 354 -11.43 14.30 -5.86
CA PRO A 354 -12.29 15.30 -6.52
C PRO A 354 -13.76 14.97 -6.44
N LEU A 355 -14.12 13.70 -6.65
CA LEU A 355 -15.51 13.29 -6.51
C LEU A 355 -16.01 13.52 -5.08
N HIS A 356 -15.20 13.20 -4.08
CA HIS A 356 -15.60 13.42 -2.69
C HIS A 356 -15.67 14.90 -2.35
N ILE A 357 -14.75 15.70 -2.89
CA ILE A 357 -14.76 17.14 -2.61
C ILE A 357 -16.01 17.80 -3.19
N ILE A 358 -16.38 17.42 -4.42
CA ILE A 358 -17.58 17.97 -5.04
C ILE A 358 -18.81 17.64 -4.20
N ASN A 359 -18.89 16.40 -3.70
CA ASN A 359 -20.00 16.04 -2.83
C ASN A 359 -20.03 16.90 -1.57
N CYS A 360 -18.86 17.28 -1.06
CA CYS A 360 -18.82 18.16 0.09
C CYS A 360 -19.41 19.53 -0.24
N PHE A 361 -19.10 20.06 -1.42
CA PHE A 361 -19.66 21.35 -1.82
C PHE A 361 -21.17 21.25 -2.03
N THR A 362 -21.63 20.16 -2.64
CA THR A 362 -23.06 19.93 -2.80
C THR A 362 -23.77 19.89 -1.46
N PHE A 363 -23.17 19.21 -0.48
CA PHE A 363 -23.83 18.99 0.80
C PHE A 363 -23.68 20.18 1.73
N PHE A 364 -22.46 20.69 1.88
CA PHE A 364 -22.20 21.69 2.89
C PHE A 364 -22.57 23.11 2.45
N CYS A 365 -22.65 23.37 1.14
CA CYS A 365 -23.00 24.68 0.62
C CYS A 365 -24.22 24.57 -0.29
N PRO A 366 -25.43 24.58 0.29
CA PRO A 366 -26.63 24.60 -0.55
C PRO A 366 -26.86 25.93 -1.27
N ASP A 367 -26.14 26.98 -0.89
CA ASP A 367 -26.21 28.26 -1.59
C ASP A 367 -25.26 28.35 -2.77
N CYS A 368 -24.22 27.52 -2.80
CA CYS A 368 -23.36 27.43 -3.99
C CYS A 368 -24.11 26.71 -5.10
N SER A 369 -23.89 27.14 -6.34
CA SER A 369 -24.43 26.41 -7.47
C SER A 369 -23.77 25.05 -7.55
N HIS A 370 -24.54 24.04 -7.92
CA HIS A 370 -24.00 22.69 -8.05
C HIS A 370 -22.87 22.68 -9.08
N ALA A 371 -21.87 21.85 -8.84
CA ALA A 371 -20.78 21.71 -9.78
C ALA A 371 -21.35 21.38 -11.16
N PRO A 372 -20.80 21.95 -12.23
CA PRO A 372 -21.38 21.72 -13.56
C PRO A 372 -21.33 20.25 -13.95
N LEU A 373 -22.25 19.87 -14.82
CA LEU A 373 -22.37 18.47 -15.21
C LEU A 373 -21.09 17.96 -15.87
N TRP A 374 -20.44 18.79 -16.68
CA TRP A 374 -19.21 18.34 -17.33
C TRP A 374 -18.10 18.09 -16.30
N LEU A 375 -18.07 18.87 -15.22
CA LEU A 375 -17.12 18.59 -14.16
C LEU A 375 -17.47 17.29 -13.44
N MET A 376 -18.76 16.99 -13.30
CA MET A 376 -19.18 15.70 -12.74
C MET A 376 -18.70 14.57 -13.62
N TYR A 377 -18.90 14.69 -14.94
CA TYR A 377 -18.43 13.66 -15.87
C TYR A 377 -16.92 13.51 -15.80
N LEU A 378 -16.20 14.62 -15.63
CA LEU A 378 -14.75 14.56 -15.54
C LEU A 378 -14.29 13.85 -14.27
N ALA A 379 -14.94 14.16 -13.13
CA ALA A 379 -14.59 13.48 -11.88
C ALA A 379 -14.87 11.98 -11.96
N ILE A 380 -16.01 11.61 -12.54
CA ILE A 380 -16.37 10.19 -12.66
C ILE A 380 -15.33 9.45 -13.49
N VAL A 381 -14.94 10.02 -14.63
CA VAL A 381 -13.95 9.38 -15.49
C VAL A 381 -12.61 9.28 -14.78
N LEU A 382 -12.20 10.34 -14.08
CA LEU A 382 -10.93 10.32 -13.36
C LEU A 382 -10.91 9.20 -12.31
N ALA A 383 -12.02 9.01 -11.59
CA ALA A 383 -12.08 7.94 -10.60
C ALA A 383 -11.96 6.56 -11.26
N HIS A 384 -12.61 6.37 -12.41
CA HIS A 384 -12.51 5.10 -13.12
C HIS A 384 -11.09 4.86 -13.63
N THR A 385 -10.40 5.92 -14.05
CA THR A 385 -9.04 5.79 -14.57
C THR A 385 -8.10 5.12 -13.57
N ASN A 386 -8.36 5.32 -12.28
CA ASN A 386 -7.51 4.71 -11.25
C ASN A 386 -7.41 3.19 -11.43
N SER A 387 -8.46 2.57 -11.96
CA SER A 387 -8.47 1.14 -12.18
C SER A 387 -7.51 0.71 -13.29
N VAL A 388 -6.87 1.66 -13.97
CA VAL A 388 -5.92 1.35 -15.02
C VAL A 388 -4.48 1.53 -14.57
N VAL A 389 -4.20 2.46 -13.64
CA VAL A 389 -2.82 2.89 -13.41
C VAL A 389 -2.02 1.91 -12.57
N ASN A 390 -2.67 1.07 -11.75
CA ASN A 390 -1.94 0.15 -10.88
C ASN A 390 -1.04 -0.82 -11.65
N PRO A 391 -1.50 -1.50 -12.71
CA PRO A 391 -0.59 -2.38 -13.47
C PRO A 391 0.63 -1.65 -14.05
N PHE A 392 0.55 -0.34 -14.29
CA PHE A 392 1.72 0.37 -14.79
C PHE A 392 2.74 0.66 -13.70
N ILE A 393 2.29 0.85 -12.46
CA ILE A 393 3.23 1.12 -11.38
C ILE A 393 4.03 -0.13 -11.06
N TYR A 394 3.39 -1.29 -11.07
CA TYR A 394 4.12 -2.54 -10.84
C TYR A 394 5.12 -2.82 -11.95
N ALA A 395 4.81 -2.42 -13.18
CA ALA A 395 5.72 -2.68 -14.30
C ALA A 395 6.94 -1.78 -14.24
N TYR A 396 6.76 -0.51 -13.88
CA TYR A 396 7.88 0.42 -13.85
C TYR A 396 8.68 0.35 -12.56
N ARG A 397 8.11 -0.22 -11.50
CA ARG A 397 8.76 -0.17 -10.19
C ARG A 397 9.12 -1.53 -9.60
N ILE A 398 8.56 -2.63 -10.09
CA ILE A 398 8.83 -3.95 -9.54
C ILE A 398 9.39 -4.83 -10.66
N ARG A 399 10.65 -5.24 -10.50
CA ARG A 399 11.31 -6.04 -11.54
C ARG A 399 10.63 -7.38 -11.73
N GLU A 400 10.18 -8.00 -10.62
CA GLU A 400 9.60 -9.32 -10.72
C GLU A 400 8.28 -9.30 -11.48
N PHE A 401 7.47 -8.25 -11.27
CA PHE A 401 6.25 -8.12 -12.05
C PHE A 401 6.57 -7.83 -13.52
N ARG A 402 7.52 -6.92 -13.77
CA ARG A 402 7.81 -6.51 -15.13
C ARG A 402 8.35 -7.68 -15.95
N GLN A 403 9.29 -8.44 -15.39
CA GLN A 403 9.84 -9.59 -16.10
C GLN A 403 8.78 -10.65 -16.34
N THR A 404 7.83 -10.80 -15.41
CA THR A 404 6.76 -11.76 -15.63
C THR A 404 5.78 -11.24 -16.68
N PHE A 405 5.54 -9.93 -16.71
CA PHE A 405 4.67 -9.35 -17.73
C PHE A 405 5.23 -9.60 -19.13
N ARG A 406 6.55 -9.43 -19.31
CA ARG A 406 7.15 -9.64 -20.62
C ARG A 406 7.02 -11.09 -21.06
N LYS A 407 7.28 -12.04 -20.16
CA LYS A 407 7.19 -13.44 -20.52
C LYS A 407 5.76 -13.85 -20.85
N ILE A 408 4.77 -13.19 -20.27
CA ILE A 408 3.38 -13.51 -20.59
C ILE A 408 3.01 -12.95 -21.95
N ILE A 409 3.47 -11.74 -22.26
CA ILE A 409 3.11 -11.09 -23.50
C ILE A 409 3.84 -11.74 -24.68
N ARG A 410 5.13 -12.06 -24.51
CA ARG A 410 5.88 -12.72 -25.57
C ARG A 410 5.30 -14.10 -25.88
N SER A 411 4.97 -14.88 -24.85
CA SER A 411 4.42 -16.21 -25.05
C SER A 411 2.93 -16.13 -25.40
#